data_4IQW
#
_entry.id   4IQW
#
_cell.length_a   46.650
_cell.length_b   84.670
_cell.length_c   114.730
_cell.angle_alpha   90.00
_cell.angle_beta   90.00
_cell.angle_gamma   90.00
#
_symmetry.space_group_name_H-M   'P 21 21 21'
#
loop_
_entity.id
_entity.type
_entity.pdbx_description
1 polymer 'DNA nucleotidylexotransferase'
2 polymer "5'-D(*GP*CP*CP*G)-3'"
3 non-polymer 'SODIUM ION'
4 non-polymer '(2Z,5E)-6-[4-(4-fluorobenzoyl)-1H-pyrrol-2-yl]-2-hydroxy-4-oxohexa-2,5-dienoic acid'
5 water water
#
loop_
_entity_poly.entity_id
_entity_poly.type
_entity_poly.pdbx_seq_one_letter_code
_entity_poly.pdbx_strand_id
1 'polypeptide(L)'
;HMSPSPVPGSQNVPAPAVKKISQYACQRRTTLNNYNQLFTDALDILAENDELRENEGSCLAFMRASSVLKSLPFPITSMK
DTEGIPCLGDKVKSIIEGIIEDGESSEAKAVLNDERYKSFKLFTSVFGVGLKTAEKWFRMGFRTLSKIQSDKSLRFTQMQ
KAGFLYYEDLVSCVNRPEAEAVSMLVKEAVVTFLPDALVTMTGGFRRGKMTGHDVDFLITSPEATEDEEQQLLHKVTDFW
KQQGLLLYCDILESTFEKFKQPSRKVDAADHFQKCFLILKLDHGRVHSEKSGQQEGKGWKAIRVDLVMCPYDRRAFALLG
WTGSRQFERDLRRYATHERKMMLDNHALYDRTKRVFLEAESEEEIFAHLGLDYIEPWERNA
;
A
2 'polydeoxyribonucleotide' (DG)(DC)(DC)(DG) C
#
# COMPACT_ATOMS: atom_id res chain seq x y z
N LYS A 20 15.14 23.62 6.29
CA LYS A 20 14.36 23.08 7.41
C LYS A 20 13.46 21.93 6.95
N ILE A 21 13.63 20.74 7.56
CA ILE A 21 12.84 19.55 7.24
C ILE A 21 11.38 19.76 7.68
N SER A 22 10.45 19.61 6.73
CA SER A 22 9.04 19.75 7.05
C SER A 22 8.53 18.55 7.83
N GLN A 23 7.50 18.77 8.64
CA GLN A 23 6.84 17.71 9.41
C GLN A 23 5.98 16.85 8.46
N TYR A 24 5.74 17.34 7.22
CA TYR A 24 4.91 16.67 6.23
C TYR A 24 5.75 15.89 5.24
N ALA A 25 5.41 14.60 5.03
CA ALA A 25 6.09 13.77 4.06
C ALA A 25 5.94 14.32 2.63
N CYS A 26 4.80 15.00 2.33
CA CYS A 26 4.55 15.58 1.02
C CYS A 26 5.43 16.82 0.76
N GLN A 27 6.21 17.29 1.75
CA GLN A 27 7.18 18.39 1.59
C GLN A 27 8.63 17.84 1.77
N ARG A 28 8.79 16.52 1.65
CA ARG A 28 10.09 15.85 1.78
C ARG A 28 10.29 14.94 0.61
N ARG A 29 11.58 14.74 0.20
CA ARG A 29 11.91 13.80 -0.86
C ARG A 29 12.44 12.54 -0.17
N THR A 30 11.70 11.40 -0.28
CA THR A 30 12.07 10.17 0.40
C THR A 30 12.34 9.10 -0.67
N THR A 31 13.62 8.83 -0.90
CA THR A 31 14.07 7.88 -1.91
C THR A 31 14.35 6.54 -1.21
N LEU A 32 14.62 5.47 -1.97
CA LEU A 32 14.80 4.15 -1.38
C LEU A 32 16.19 3.97 -0.72
N ASN A 33 17.11 4.93 -0.87
CA ASN A 33 18.41 4.87 -0.18
C ASN A 33 18.20 5.38 1.24
N ASN A 34 17.81 4.44 2.08
CA ASN A 34 17.58 4.70 3.49
C ASN A 34 18.87 4.58 4.25
N TYR A 35 19.36 5.69 4.79
CA TYR A 35 20.61 5.67 5.55
C TYR A 35 20.40 5.34 7.03
N ASN A 36 19.14 5.24 7.45
CA ASN A 36 18.75 5.08 8.84
C ASN A 36 17.87 3.87 9.09
N GLN A 37 18.13 2.77 8.36
CA GLN A 37 17.40 1.51 8.46
C GLN A 37 17.50 0.92 9.85
N LEU A 38 18.62 1.11 10.56
CA LEU A 38 18.81 0.62 11.93
C LEU A 38 17.73 1.19 12.87
N PHE A 39 17.43 2.51 12.70
CA PHE A 39 16.45 3.23 13.50
C PHE A 39 15.06 2.97 13.01
N THR A 40 14.85 3.08 11.69
CA THR A 40 13.51 2.95 11.09
C THR A 40 12.99 1.53 11.15
N ASP A 41 13.82 0.49 11.03
CA ASP A 41 13.31 -0.88 11.18
C ASP A 41 12.75 -1.07 12.58
N ALA A 42 13.43 -0.54 13.62
CA ALA A 42 12.97 -0.59 15.01
C ALA A 42 11.66 0.18 15.21
N LEU A 43 11.60 1.44 14.73
CA LEU A 43 10.43 2.31 14.83
C LEU A 43 9.24 1.71 14.09
N ASP A 44 9.47 1.06 12.92
CA ASP A 44 8.41 0.38 12.15
C ASP A 44 7.81 -0.79 12.94
N ILE A 45 8.66 -1.58 13.66
CA ILE A 45 8.23 -2.71 14.49
C ILE A 45 7.38 -2.19 15.67
N LEU A 46 7.83 -1.12 16.32
CA LEU A 46 7.11 -0.51 17.44
C LEU A 46 5.78 0.07 16.98
N ALA A 47 5.73 0.68 15.80
CA ALA A 47 4.49 1.21 15.22
C ALA A 47 3.51 0.07 14.90
N GLU A 48 4.01 -1.04 14.32
CA GLU A 48 3.22 -2.22 13.96
C GLU A 48 2.62 -2.87 15.19
N ASN A 49 3.40 -2.96 16.29
CA ASN A 49 2.93 -3.50 17.56
C ASN A 49 1.81 -2.62 18.14
N ASP A 50 1.94 -1.28 18.04
CA ASP A 50 0.92 -0.35 18.53
C ASP A 50 -0.36 -0.48 17.70
N GLU A 51 -0.25 -0.88 16.42
CA GLU A 51 -1.41 -1.11 15.54
C GLU A 51 -2.13 -2.37 16.02
N LEU A 52 -1.37 -3.43 16.32
CA LEU A 52 -1.90 -4.69 16.83
C LEU A 52 -2.55 -4.51 18.20
N ARG A 53 -1.96 -3.65 19.06
CA ARG A 53 -2.46 -3.38 20.43
C ARG A 53 -3.57 -2.31 20.43
N GLU A 54 -4.01 -1.89 19.22
CA GLU A 54 -5.07 -0.89 18.98
C GLU A 54 -4.71 0.49 19.57
N ASN A 55 -3.41 0.79 19.70
CA ASN A 55 -2.92 2.07 20.21
C ASN A 55 -2.58 2.98 19.01
N GLU A 56 -3.62 3.57 18.41
CA GLU A 56 -3.54 4.42 17.21
C GLU A 56 -2.61 5.65 17.40
N GLY A 57 -2.64 6.27 18.58
CA GLY A 57 -1.83 7.45 18.90
C GLY A 57 -0.36 7.19 18.92
N SER A 58 0.06 6.14 19.65
CA SER A 58 1.47 5.77 19.74
C SER A 58 1.98 5.27 18.39
N CYS A 59 1.10 4.55 17.65
CA CYS A 59 1.36 4.05 16.31
C CYS A 59 1.72 5.21 15.39
N LEU A 60 0.86 6.26 15.40
CA LEU A 60 1.04 7.45 14.57
C LEU A 60 2.37 8.17 14.87
N ALA A 61 2.73 8.32 16.16
CA ALA A 61 3.96 8.98 16.57
C ALA A 61 5.19 8.24 16.04
N PHE A 62 5.19 6.88 16.14
CA PHE A 62 6.33 6.10 15.64
C PHE A 62 6.37 6.13 14.12
N MET A 63 5.21 6.12 13.42
CA MET A 63 5.17 6.15 11.95
C MET A 63 5.75 7.46 11.40
N ARG A 64 5.42 8.60 12.04
CA ARG A 64 5.88 9.91 11.59
C ARG A 64 7.39 10.07 11.82
N ALA A 65 7.90 9.53 12.95
CA ALA A 65 9.33 9.55 13.30
C ALA A 65 10.10 8.70 12.32
N SER A 66 9.60 7.47 12.06
CA SER A 66 10.25 6.58 11.10
C SER A 66 10.31 7.23 9.72
N SER A 67 9.18 7.84 9.28
CA SER A 67 9.04 8.53 8.00
C SER A 67 10.07 9.64 7.83
N VAL A 68 10.22 10.52 8.82
CA VAL A 68 11.15 11.64 8.71
C VAL A 68 12.61 11.14 8.62
N LEU A 69 12.98 10.09 9.39
CA LEU A 69 14.33 9.53 9.34
C LEU A 69 14.61 8.87 7.98
N LYS A 70 13.59 8.28 7.34
CA LYS A 70 13.72 7.69 6.01
C LYS A 70 14.12 8.75 4.96
N SER A 71 13.74 10.04 5.18
CA SER A 71 14.02 11.16 4.27
C SER A 71 15.44 11.71 4.41
N LEU A 72 16.14 11.45 5.51
CA LEU A 72 17.47 12.01 5.72
C LEU A 72 18.49 11.57 4.69
N PRO A 73 19.35 12.51 4.24
CA PRO A 73 20.38 12.16 3.23
C PRO A 73 21.67 11.62 3.87
N PHE A 74 21.64 11.37 5.19
CA PHE A 74 22.81 10.90 5.92
C PHE A 74 22.36 10.02 7.10
N PRO A 75 23.24 9.11 7.64
CA PRO A 75 22.84 8.31 8.82
C PRO A 75 23.05 9.06 10.14
N ILE A 76 22.09 8.92 11.10
CA ILE A 76 22.23 9.46 12.45
C ILE A 76 23.38 8.68 13.13
N THR A 77 24.40 9.39 13.65
CA THR A 77 25.52 8.70 14.31
C THR A 77 25.72 9.22 15.76
N SER A 78 24.98 10.26 16.16
CA SER A 78 24.99 10.84 17.50
C SER A 78 23.66 11.53 17.75
N MET A 79 23.32 11.81 19.03
CA MET A 79 22.06 12.47 19.35
C MET A 79 22.01 13.90 18.80
N LYS A 80 23.18 14.56 18.67
CA LYS A 80 23.29 15.91 18.09
C LYS A 80 22.72 15.93 16.70
N ASP A 81 22.89 14.84 15.92
CA ASP A 81 22.35 14.76 14.55
C ASP A 81 20.82 14.84 14.49
N THR A 82 20.11 14.68 15.63
CA THR A 82 18.64 14.72 15.59
C THR A 82 18.12 16.17 15.76
N GLU A 83 19.00 17.14 16.09
CA GLU A 83 18.62 18.54 16.30
C GLU A 83 17.95 19.14 15.06
N GLY A 84 16.80 19.75 15.27
CA GLY A 84 16.05 20.39 14.19
C GLY A 84 15.17 19.45 13.39
N ILE A 85 15.26 18.14 13.62
CA ILE A 85 14.39 17.18 12.92
C ILE A 85 13.02 17.13 13.64
N PRO A 86 11.93 17.37 12.90
CA PRO A 86 10.60 17.33 13.52
C PRO A 86 10.11 15.87 13.74
N CYS A 87 8.98 15.70 14.43
CA CYS A 87 8.32 14.41 14.70
C CYS A 87 9.19 13.46 15.56
N LEU A 88 10.16 13.99 16.33
CA LEU A 88 10.99 13.17 17.20
C LEU A 88 10.75 13.57 18.66
N GLY A 89 9.72 12.99 19.26
CA GLY A 89 9.41 13.23 20.65
C GLY A 89 10.40 12.56 21.59
N ASP A 90 10.25 12.77 22.91
CA ASP A 90 11.16 12.19 23.90
C ASP A 90 11.22 10.66 23.88
N LYS A 91 10.07 9.97 23.71
CA LYS A 91 10.01 8.50 23.65
C LYS A 91 10.82 8.02 22.45
N VAL A 92 10.63 8.65 21.28
CA VAL A 92 11.38 8.30 20.05
C VAL A 92 12.91 8.55 20.23
N LYS A 93 13.28 9.69 20.85
CA LYS A 93 14.69 10.03 21.04
C LYS A 93 15.36 9.02 21.97
N SER A 94 14.64 8.45 22.96
CA SER A 94 15.21 7.43 23.83
C SER A 94 15.48 6.15 23.02
N ILE A 95 14.63 5.83 22.04
CA ILE A 95 14.82 4.65 21.21
C ILE A 95 16.06 4.87 20.28
N ILE A 96 16.20 6.07 19.69
CA ILE A 96 17.37 6.40 18.86
C ILE A 96 18.66 6.32 19.71
N GLU A 97 18.63 6.86 20.94
CA GLU A 97 19.77 6.85 21.87
C GLU A 97 20.25 5.43 22.14
N GLY A 98 19.32 4.52 22.42
CA GLY A 98 19.62 3.13 22.70
C GLY A 98 20.23 2.37 21.54
N ILE A 99 19.83 2.69 20.30
CA ILE A 99 20.35 2.08 19.08
C ILE A 99 21.76 2.59 18.84
N ILE A 100 22.02 3.91 19.07
CA ILE A 100 23.36 4.50 18.94
C ILE A 100 24.31 3.78 19.90
N GLU A 101 23.86 3.51 21.12
CA GLU A 101 24.67 2.91 22.17
C GLU A 101 25.14 1.47 21.90
N ASP A 102 24.17 0.56 21.60
CA ASP A 102 24.26 -0.92 21.45
C ASP A 102 24.22 -1.48 20.00
N GLY A 103 23.77 -0.66 19.05
CA GLY A 103 23.54 -1.11 17.68
C GLY A 103 22.19 -1.79 17.50
N GLU A 104 21.36 -1.86 18.55
CA GLU A 104 20.06 -2.48 18.45
C GLU A 104 19.08 -1.79 19.39
N SER A 105 17.79 -2.01 19.13
CA SER A 105 16.72 -1.49 19.96
C SER A 105 16.23 -2.60 20.87
N SER A 106 16.40 -2.43 22.20
CA SER A 106 15.92 -3.40 23.19
C SER A 106 14.38 -3.49 23.14
N GLU A 107 13.72 -2.33 22.92
CA GLU A 107 12.26 -2.19 22.78
C GLU A 107 11.73 -2.98 21.57
N ALA A 108 12.36 -2.83 20.39
CA ALA A 108 11.93 -3.56 19.19
C ALA A 108 12.26 -5.08 19.31
N LYS A 109 13.36 -5.42 19.99
CA LYS A 109 13.76 -6.81 20.24
C LYS A 109 12.72 -7.52 21.11
N ALA A 110 12.18 -6.80 22.11
CA ALA A 110 11.14 -7.34 23.00
C ALA A 110 9.84 -7.57 22.22
N VAL A 111 9.52 -6.69 21.23
CA VAL A 111 8.32 -6.86 20.41
C VAL A 111 8.48 -8.13 19.52
N LEU A 112 9.66 -8.31 18.93
CA LEU A 112 9.98 -9.44 18.06
C LEU A 112 9.91 -10.79 18.79
N ASN A 113 10.10 -10.78 20.12
CA ASN A 113 10.03 -11.97 20.97
C ASN A 113 8.67 -12.12 21.66
N ASP A 114 7.77 -11.12 21.53
CA ASP A 114 6.43 -11.14 22.12
C ASP A 114 5.56 -12.14 21.39
N GLU A 115 4.87 -13.02 22.15
CA GLU A 115 4.05 -14.09 21.58
C GLU A 115 2.85 -13.57 20.84
N ARG A 116 2.18 -12.53 21.37
CA ARG A 116 1.02 -11.94 20.68
C ARG A 116 1.46 -11.30 19.36
N TYR A 117 2.58 -10.55 19.36
CA TYR A 117 3.07 -9.91 18.16
C TYR A 117 3.43 -10.94 17.12
N LYS A 118 4.20 -11.96 17.49
CA LYS A 118 4.63 -13.04 16.59
C LYS A 118 3.43 -13.75 15.94
N SER A 119 2.39 -14.03 16.74
CA SER A 119 1.17 -14.67 16.25
C SER A 119 0.43 -13.78 15.28
N PHE A 120 0.30 -12.48 15.59
CA PHE A 120 -0.41 -11.54 14.74
C PHE A 120 0.31 -11.36 13.41
N LYS A 121 1.66 -11.30 13.41
CA LYS A 121 2.44 -11.20 12.18
C LYS A 121 2.24 -12.43 11.32
N LEU A 122 2.35 -13.60 11.94
CA LEU A 122 2.26 -14.87 11.26
C LEU A 122 0.87 -15.10 10.69
N PHE A 123 -0.19 -14.85 11.47
CA PHE A 123 -1.54 -15.12 11.03
C PHE A 123 -1.98 -14.14 9.95
N THR A 124 -1.69 -12.83 10.08
CA THR A 124 -2.06 -11.81 9.08
C THR A 124 -1.20 -11.96 7.78
N SER A 125 -0.14 -12.78 7.79
CA SER A 125 0.66 -13.04 6.58
C SER A 125 -0.15 -13.92 5.58
N VAL A 126 -1.29 -14.48 6.05
CA VAL A 126 -2.23 -15.26 5.26
C VAL A 126 -3.23 -14.30 4.61
N PHE A 127 -3.42 -14.41 3.30
CA PHE A 127 -4.42 -13.61 2.58
C PHE A 127 -5.81 -14.01 3.10
N GLY A 128 -6.57 -13.00 3.54
CA GLY A 128 -7.91 -13.18 4.09
C GLY A 128 -7.96 -13.12 5.59
N VAL A 129 -6.81 -12.95 6.25
CA VAL A 129 -6.73 -12.91 7.70
C VAL A 129 -6.34 -11.50 8.13
N GLY A 130 -7.25 -10.89 8.88
CA GLY A 130 -7.06 -9.58 9.49
C GLY A 130 -6.93 -9.67 10.99
N LEU A 131 -6.90 -8.49 11.66
CA LEU A 131 -6.71 -8.37 13.12
C LEU A 131 -7.71 -9.17 13.96
N LYS A 132 -8.99 -9.16 13.63
CA LYS A 132 -10.04 -9.88 14.35
C LYS A 132 -9.86 -11.41 14.29
N THR A 133 -9.62 -11.99 13.10
CA THR A 133 -9.42 -13.45 12.97
C THR A 133 -8.12 -13.88 13.66
N ALA A 134 -7.03 -13.09 13.51
CA ALA A 134 -5.74 -13.36 14.13
C ALA A 134 -5.90 -13.38 15.66
N GLU A 135 -6.66 -12.41 16.23
CA GLU A 135 -6.95 -12.33 17.68
C GLU A 135 -7.76 -13.53 18.15
N LYS A 136 -8.79 -13.93 17.37
CA LYS A 136 -9.63 -15.07 17.64
C LYS A 136 -8.79 -16.35 17.74
N TRP A 137 -7.93 -16.60 16.75
CA TRP A 137 -7.10 -17.81 16.72
C TRP A 137 -6.10 -17.83 17.85
N PHE A 138 -5.50 -16.66 18.17
CA PHE A 138 -4.55 -16.52 19.28
C PHE A 138 -5.24 -16.91 20.61
N ARG A 139 -6.47 -16.40 20.86
CA ARG A 139 -7.22 -16.66 22.10
C ARG A 139 -7.76 -18.11 22.13
N MET A 140 -7.72 -18.81 20.99
CA MET A 140 -8.10 -20.21 20.94
C MET A 140 -6.90 -21.07 21.26
N GLY A 141 -5.72 -20.46 21.34
CA GLY A 141 -4.47 -21.16 21.67
C GLY A 141 -3.61 -21.57 20.49
N PHE A 142 -3.96 -21.12 19.26
CA PHE A 142 -3.18 -21.41 18.05
C PHE A 142 -1.93 -20.52 17.98
N ARG A 143 -0.83 -21.10 17.53
CA ARG A 143 0.47 -20.40 17.41
C ARG A 143 1.15 -20.67 16.08
N THR A 144 0.71 -21.70 15.35
CA THR A 144 1.31 -22.06 14.05
C THR A 144 0.23 -22.21 12.99
N LEU A 145 0.62 -21.95 11.73
CA LEU A 145 -0.26 -22.06 10.58
C LEU A 145 -0.61 -23.50 10.29
N SER A 146 0.31 -24.44 10.57
CA SER A 146 0.09 -25.88 10.41
C SER A 146 -1.09 -26.35 11.27
N LYS A 147 -1.16 -25.87 12.54
CA LYS A 147 -2.20 -26.28 13.47
C LYS A 147 -3.51 -25.64 13.07
N ILE A 148 -3.47 -24.43 12.51
CA ILE A 148 -4.71 -23.75 12.07
C ILE A 148 -5.32 -24.51 10.87
N GLN A 149 -4.53 -24.75 9.82
CA GLN A 149 -4.93 -25.42 8.58
C GLN A 149 -5.46 -26.83 8.78
N SER A 150 -4.85 -27.60 9.69
CA SER A 150 -5.22 -28.99 9.92
C SER A 150 -6.33 -29.16 10.94
N ASP A 151 -6.80 -28.05 11.59
CA ASP A 151 -7.88 -28.15 12.58
C ASP A 151 -9.17 -28.55 11.89
N LYS A 152 -9.89 -29.52 12.43
CA LYS A 152 -11.10 -30.00 11.78
C LYS A 152 -12.38 -29.25 12.21
N SER A 153 -12.28 -28.36 13.21
CA SER A 153 -13.43 -27.59 13.71
C SER A 153 -13.48 -26.17 13.13
N LEU A 154 -12.33 -25.59 12.78
CA LEU A 154 -12.27 -24.23 12.22
C LEU A 154 -12.93 -24.13 10.86
N ARG A 155 -13.60 -22.98 10.61
CA ARG A 155 -14.30 -22.67 9.37
C ARG A 155 -13.60 -21.46 8.73
N PHE A 156 -13.23 -21.60 7.47
CA PHE A 156 -12.47 -20.57 6.77
C PHE A 156 -13.29 -19.90 5.69
N THR A 157 -13.06 -18.58 5.49
CA THR A 157 -13.69 -17.83 4.41
C THR A 157 -13.04 -18.27 3.09
N GLN A 158 -13.68 -18.00 1.96
CA GLN A 158 -13.13 -18.38 0.66
C GLN A 158 -11.78 -17.66 0.41
N MET A 159 -11.62 -16.43 0.92
CA MET A 159 -10.39 -15.62 0.87
C MET A 159 -9.25 -16.34 1.61
N GLN A 160 -9.52 -16.86 2.84
CA GLN A 160 -8.57 -17.59 3.69
C GLN A 160 -8.16 -18.93 3.07
N LYS A 161 -9.12 -19.66 2.46
CA LYS A 161 -8.84 -20.92 1.75
C LYS A 161 -7.81 -20.68 0.65
N ALA A 162 -7.98 -19.59 -0.17
CA ALA A 162 -7.03 -19.19 -1.20
C ALA A 162 -5.69 -18.76 -0.56
N GLY A 163 -5.79 -18.04 0.55
CA GLY A 163 -4.62 -17.59 1.30
C GLY A 163 -3.74 -18.73 1.75
N PHE A 164 -4.35 -19.84 2.22
CA PHE A 164 -3.65 -21.03 2.65
C PHE A 164 -3.14 -21.87 1.48
N LEU A 165 -3.97 -22.04 0.42
CA LEU A 165 -3.64 -22.86 -0.75
C LEU A 165 -2.41 -22.34 -1.50
N TYR A 166 -2.30 -21.00 -1.63
CA TYR A 166 -1.22 -20.33 -2.37
C TYR A 166 -0.28 -19.58 -1.44
N TYR A 167 -0.24 -19.94 -0.15
CA TYR A 167 0.57 -19.27 0.89
C TYR A 167 2.05 -19.07 0.52
N GLU A 168 2.76 -20.14 0.10
CA GLU A 168 4.18 -20.05 -0.18
C GLU A 168 4.49 -19.05 -1.30
N ASP A 169 3.66 -19.03 -2.35
CA ASP A 169 3.81 -18.10 -3.48
C ASP A 169 3.50 -16.69 -3.06
N LEU A 170 2.43 -16.47 -2.30
CA LEU A 170 2.03 -15.14 -1.83
C LEU A 170 3.01 -14.56 -0.77
N VAL A 171 3.70 -15.43 -0.01
CA VAL A 171 4.63 -14.95 1.02
C VAL A 171 6.00 -14.63 0.38
N SER A 172 6.30 -15.21 -0.82
CA SER A 172 7.50 -14.86 -1.60
C SER A 172 7.31 -13.49 -2.24
N CYS A 173 8.32 -12.66 -2.20
CA CYS A 173 8.23 -11.33 -2.81
C CYS A 173 7.99 -11.41 -4.35
N VAL A 174 7.06 -10.57 -4.86
CA VAL A 174 6.87 -10.36 -6.29
C VAL A 174 8.04 -9.47 -6.73
N ASN A 175 8.80 -9.88 -7.74
CA ASN A 175 9.93 -9.05 -8.22
C ASN A 175 9.48 -8.25 -9.49
N ARG A 176 10.35 -7.36 -10.06
CA ARG A 176 9.96 -6.51 -11.19
C ARG A 176 9.71 -7.35 -12.44
N PRO A 177 10.56 -8.36 -12.83
CA PRO A 177 10.21 -9.20 -14.00
C PRO A 177 8.82 -9.83 -13.87
N GLU A 178 8.42 -10.29 -12.66
CA GLU A 178 7.07 -10.84 -12.43
C GLU A 178 5.99 -9.76 -12.56
N ALA A 179 6.21 -8.55 -11.95
CA ALA A 179 5.28 -7.42 -12.04
C ALA A 179 5.09 -7.03 -13.49
N GLU A 180 6.16 -7.02 -14.30
CA GLU A 180 6.07 -6.66 -15.71
C GLU A 180 5.29 -7.69 -16.49
N ALA A 181 5.47 -8.99 -16.13
CA ALA A 181 4.78 -10.10 -16.77
C ALA A 181 3.29 -9.99 -16.49
N VAL A 182 2.92 -9.62 -15.23
CA VAL A 182 1.54 -9.36 -14.84
C VAL A 182 1.01 -8.14 -15.63
N SER A 183 1.79 -7.04 -15.74
CA SER A 183 1.37 -5.85 -16.50
C SER A 183 0.95 -6.19 -17.93
N MET A 184 1.71 -7.07 -18.59
CA MET A 184 1.46 -7.53 -19.94
C MET A 184 0.14 -8.24 -20.03
N LEU A 185 -0.12 -9.13 -19.06
CA LEU A 185 -1.38 -9.87 -18.96
C LEU A 185 -2.56 -8.90 -18.80
N VAL A 186 -2.44 -7.93 -17.87
CA VAL A 186 -3.48 -6.95 -17.58
C VAL A 186 -3.79 -6.14 -18.84
N LYS A 187 -2.76 -5.56 -19.48
CA LYS A 187 -2.90 -4.73 -20.68
C LYS A 187 -3.55 -5.51 -21.84
N GLU A 188 -3.08 -6.75 -22.11
CA GLU A 188 -3.63 -7.64 -23.15
C GLU A 188 -5.11 -7.91 -22.92
N ALA A 189 -5.51 -8.18 -21.68
CA ALA A 189 -6.91 -8.47 -21.32
C ALA A 189 -7.79 -7.23 -21.45
N VAL A 190 -7.35 -6.09 -20.87
CA VAL A 190 -8.08 -4.83 -20.85
C VAL A 190 -8.34 -4.29 -22.29
N VAL A 191 -7.30 -4.20 -23.15
CA VAL A 191 -7.39 -3.66 -24.53
C VAL A 191 -8.31 -4.56 -25.42
N THR A 192 -8.54 -5.85 -25.02
CA THR A 192 -9.43 -6.78 -25.73
C THR A 192 -10.86 -6.23 -25.70
N PHE A 193 -11.23 -5.57 -24.58
CA PHE A 193 -12.60 -5.06 -24.38
C PHE A 193 -12.66 -3.51 -24.53
N LEU A 194 -11.60 -2.79 -24.13
CA LEU A 194 -11.46 -1.33 -24.25
C LEU A 194 -10.11 -0.98 -24.90
N PRO A 195 -10.01 -0.92 -26.25
CA PRO A 195 -8.70 -0.70 -26.87
C PRO A 195 -8.03 0.66 -26.58
N ASP A 196 -8.80 1.67 -26.14
CA ASP A 196 -8.25 2.99 -25.83
C ASP A 196 -7.86 3.13 -24.34
N ALA A 197 -7.98 2.06 -23.56
CA ALA A 197 -7.73 2.14 -22.13
C ALA A 197 -6.26 2.35 -21.81
N LEU A 198 -6.03 3.13 -20.75
CA LEU A 198 -4.74 3.40 -20.17
C LEU A 198 -4.61 2.60 -18.90
N VAL A 199 -3.57 1.77 -18.83
CA VAL A 199 -3.29 0.89 -17.70
C VAL A 199 -1.95 1.34 -17.10
N THR A 200 -1.95 1.69 -15.80
CA THR A 200 -0.74 2.15 -15.12
C THR A 200 -0.47 1.29 -13.89
N MET A 201 0.77 0.79 -13.74
CA MET A 201 1.19 0.08 -12.53
C MET A 201 1.40 1.12 -11.44
N THR A 202 0.76 0.92 -10.29
CA THR A 202 0.84 1.87 -9.19
C THR A 202 1.60 1.20 -8.01
N GLY A 203 1.34 1.65 -6.78
CA GLY A 203 1.96 1.14 -5.56
C GLY A 203 3.47 1.28 -5.58
N GLY A 204 4.12 0.41 -4.79
CA GLY A 204 5.56 0.38 -4.58
C GLY A 204 6.42 0.34 -5.83
N PHE A 205 6.02 -0.47 -6.82
CA PHE A 205 6.76 -0.62 -8.07
C PHE A 205 6.84 0.69 -8.82
N ARG A 206 5.79 1.52 -8.78
CA ARG A 206 5.82 2.85 -9.40
C ARG A 206 6.80 3.78 -8.62
N ARG A 207 7.03 3.52 -7.34
CA ARG A 207 7.94 4.31 -6.52
C ARG A 207 9.40 3.81 -6.59
N GLY A 208 9.67 2.82 -7.45
CA GLY A 208 11.01 2.28 -7.66
C GLY A 208 11.40 1.02 -6.91
N LYS A 209 10.45 0.40 -6.18
CA LYS A 209 10.77 -0.79 -5.40
C LYS A 209 11.09 -1.99 -6.28
N MET A 210 12.06 -2.78 -5.86
CA MET A 210 12.47 -4.00 -6.53
C MET A 210 11.45 -5.11 -6.28
N THR A 211 10.76 -5.07 -5.13
CA THR A 211 9.79 -6.09 -4.75
C THR A 211 8.49 -5.50 -4.23
N GLY A 212 7.48 -6.36 -4.07
CA GLY A 212 6.18 -6.02 -3.49
C GLY A 212 5.40 -7.26 -3.11
N HIS A 213 4.34 -7.11 -2.31
CA HIS A 213 3.49 -8.25 -1.89
C HIS A 213 2.42 -8.53 -2.94
N ASP A 214 2.14 -7.51 -3.74
CA ASP A 214 1.13 -7.50 -4.79
C ASP A 214 1.53 -6.56 -5.93
N VAL A 215 0.77 -6.60 -7.03
CA VAL A 215 0.94 -5.73 -8.19
C VAL A 215 -0.39 -5.04 -8.40
N ASP A 216 -0.39 -3.69 -8.35
CA ASP A 216 -1.56 -2.85 -8.45
C ASP A 216 -1.58 -2.08 -9.72
N PHE A 217 -2.77 -1.92 -10.30
CA PHE A 217 -2.97 -1.21 -11.55
C PHE A 217 -4.14 -0.29 -11.50
N LEU A 218 -3.99 0.85 -12.18
CA LEU A 218 -5.06 1.81 -12.35
C LEU A 218 -5.44 1.75 -13.81
N ILE A 219 -6.72 1.53 -14.10
CA ILE A 219 -7.26 1.44 -15.47
C ILE A 219 -8.23 2.58 -15.69
N THR A 220 -8.10 3.27 -16.82
CA THR A 220 -9.01 4.35 -17.17
C THR A 220 -9.21 4.40 -18.70
N SER A 221 -10.37 4.86 -19.18
CA SER A 221 -10.61 4.94 -20.61
C SER A 221 -11.25 6.29 -20.99
N PRO A 222 -10.63 7.04 -21.93
CA PRO A 222 -11.20 8.36 -22.28
C PRO A 222 -12.53 8.30 -23.04
N GLU A 223 -12.84 7.19 -23.75
CA GLU A 223 -14.08 7.11 -24.53
C GLU A 223 -15.16 6.13 -23.98
N ALA A 224 -14.84 5.29 -22.99
CA ALA A 224 -15.80 4.31 -22.47
C ALA A 224 -17.01 4.97 -21.82
N THR A 225 -18.19 4.33 -21.90
CA THR A 225 -19.40 4.82 -21.25
C THR A 225 -19.35 4.43 -19.74
N GLU A 226 -20.34 4.86 -18.93
CA GLU A 226 -20.45 4.50 -17.52
C GLU A 226 -20.66 2.99 -17.38
N ASP A 227 -21.46 2.38 -18.29
CA ASP A 227 -21.72 0.94 -18.30
C ASP A 227 -20.49 0.16 -18.74
N GLU A 228 -19.78 0.61 -19.81
CA GLU A 228 -18.57 -0.04 -20.33
C GLU A 228 -17.50 -0.08 -19.25
N GLU A 229 -17.35 1.05 -18.52
CA GLU A 229 -16.42 1.24 -17.41
C GLU A 229 -16.74 0.27 -16.26
N GLN A 230 -18.03 0.04 -16.01
CA GLN A 230 -18.48 -0.85 -14.95
C GLN A 230 -18.23 -2.32 -15.30
N GLN A 231 -18.39 -2.67 -16.58
CA GLN A 231 -18.31 -4.04 -17.05
C GLN A 231 -16.90 -4.56 -17.32
N LEU A 232 -15.90 -3.68 -17.51
CA LEU A 232 -14.56 -4.08 -17.86
C LEU A 232 -13.95 -5.09 -16.92
N LEU A 233 -13.98 -4.86 -15.56
CA LEU A 233 -13.36 -5.79 -14.62
C LEU A 233 -14.05 -7.16 -14.62
N HIS A 234 -15.39 -7.20 -14.90
CA HIS A 234 -16.16 -8.44 -15.01
C HIS A 234 -15.73 -9.19 -16.29
N LYS A 235 -15.58 -8.48 -17.42
CA LYS A 235 -15.15 -9.05 -18.70
C LYS A 235 -13.74 -9.62 -18.62
N VAL A 236 -12.81 -8.87 -18.04
CA VAL A 236 -11.39 -9.23 -17.91
C VAL A 236 -11.23 -10.45 -17.01
N THR A 237 -11.97 -10.52 -15.90
CA THR A 237 -11.86 -11.65 -14.97
C THR A 237 -12.56 -12.89 -15.55
N ASP A 238 -13.66 -12.73 -16.33
CA ASP A 238 -14.32 -13.88 -16.98
C ASP A 238 -13.38 -14.49 -18.01
N PHE A 239 -12.67 -13.61 -18.78
CA PHE A 239 -11.68 -14.00 -19.78
C PHE A 239 -10.57 -14.83 -19.12
N TRP A 240 -10.04 -14.37 -17.96
CA TRP A 240 -9.01 -15.07 -17.23
C TRP A 240 -9.52 -16.37 -16.63
N LYS A 241 -10.80 -16.39 -16.14
CA LYS A 241 -11.46 -17.57 -15.60
C LYS A 241 -11.52 -18.67 -16.69
N GLN A 242 -11.87 -18.28 -17.94
CA GLN A 242 -11.90 -19.15 -19.12
C GLN A 242 -10.52 -19.71 -19.44
N GLN A 243 -9.46 -18.84 -19.32
CA GLN A 243 -8.03 -19.12 -19.56
C GLN A 243 -7.39 -19.98 -18.48
N GLY A 244 -8.09 -20.16 -17.35
CA GLY A 244 -7.63 -20.92 -16.19
C GLY A 244 -6.55 -20.19 -15.43
N LEU A 245 -6.60 -18.83 -15.46
CA LEU A 245 -5.61 -17.98 -14.81
C LEU A 245 -6.13 -17.31 -13.54
N LEU A 246 -7.46 -17.29 -13.35
CA LEU A 246 -8.08 -16.68 -12.17
C LEU A 246 -8.14 -17.70 -11.05
N LEU A 247 -7.29 -17.51 -10.04
CA LEU A 247 -7.22 -18.39 -8.87
C LEU A 247 -8.11 -17.86 -7.75
N TYR A 248 -8.31 -16.54 -7.69
CA TYR A 248 -9.19 -15.89 -6.72
C TYR A 248 -9.68 -14.59 -7.31
N CYS A 249 -10.91 -14.20 -7.03
CA CYS A 249 -11.49 -12.97 -7.54
C CYS A 249 -12.58 -12.45 -6.61
N ASP A 250 -12.49 -11.17 -6.24
CA ASP A 250 -13.46 -10.44 -5.45
C ASP A 250 -13.56 -9.08 -6.07
N ILE A 251 -14.71 -8.76 -6.68
CA ILE A 251 -14.92 -7.47 -7.33
C ILE A 251 -15.79 -6.62 -6.43
N LEU A 252 -15.28 -5.44 -6.05
CA LEU A 252 -16.00 -4.48 -5.25
C LEU A 252 -16.58 -3.44 -6.17
N GLU A 253 -17.91 -3.37 -6.23
CA GLU A 253 -18.59 -2.40 -7.08
C GLU A 253 -18.28 -1.00 -6.58
N SER A 254 -18.35 -0.05 -7.49
CA SER A 254 -18.08 1.33 -7.14
C SER A 254 -19.18 1.89 -6.24
N THR A 255 -18.78 2.74 -5.29
CA THR A 255 -19.69 3.48 -4.42
C THR A 255 -19.37 4.98 -4.65
N PHE A 256 -18.60 5.28 -5.74
CA PHE A 256 -18.17 6.60 -6.19
C PHE A 256 -19.35 7.50 -6.44
N GLU A 257 -19.24 8.73 -5.95
CA GLU A 257 -20.26 9.76 -6.14
C GLU A 257 -19.59 10.97 -6.79
N LYS A 258 -19.96 11.23 -8.06
CA LYS A 258 -19.41 12.29 -8.91
C LYS A 258 -19.39 13.68 -8.24
N PHE A 259 -20.42 14.02 -7.45
CA PHE A 259 -20.52 15.38 -6.88
C PHE A 259 -20.38 15.43 -5.33
N LYS A 260 -19.86 14.37 -4.68
CA LYS A 260 -19.68 14.37 -3.22
C LYS A 260 -18.36 15.06 -2.85
N GLN A 261 -18.35 15.79 -1.70
CA GLN A 261 -17.16 16.44 -1.14
C GLN A 261 -16.12 15.36 -0.81
N PRO A 262 -14.79 15.60 -0.96
CA PRO A 262 -13.82 14.55 -0.58
C PRO A 262 -13.82 14.25 0.93
N SER A 263 -13.29 13.07 1.30
CA SER A 263 -13.23 12.56 2.66
C SER A 263 -12.52 13.50 3.66
N ARG A 264 -13.07 13.53 4.90
CA ARG A 264 -12.56 14.29 6.04
C ARG A 264 -11.74 13.36 6.96
N LYS A 265 -11.87 12.01 6.78
CA LYS A 265 -11.21 10.96 7.55
C LYS A 265 -9.69 11.10 7.56
N ASP A 267 -7.34 8.75 7.32
CA ASP A 267 -7.10 7.72 6.31
C ASP A 267 -8.35 7.58 5.43
N ALA A 268 -8.32 8.16 4.23
CA ALA A 268 -9.44 8.15 3.28
C ALA A 268 -9.62 6.81 2.58
N ALA A 269 -10.90 6.39 2.45
CA ALA A 269 -11.33 5.17 1.74
C ALA A 269 -11.50 5.46 0.23
N ASP A 270 -11.23 4.45 -0.62
CA ASP A 270 -11.38 4.54 -2.07
C ASP A 270 -12.71 3.90 -2.47
N HIS A 271 -13.55 4.66 -3.16
CA HIS A 271 -14.88 4.23 -3.55
C HIS A 271 -14.95 3.76 -5.01
N PHE A 272 -13.82 3.72 -5.76
CA PHE A 272 -13.83 3.27 -7.16
C PHE A 272 -14.04 1.78 -7.26
N GLN A 273 -14.53 1.32 -8.43
CA GLN A 273 -14.68 -0.11 -8.68
C GLN A 273 -13.30 -0.75 -8.66
N LYS A 274 -13.16 -1.85 -7.92
CA LYS A 274 -11.86 -2.51 -7.82
C LYS A 274 -12.01 -4.00 -7.65
N CYS A 275 -10.92 -4.74 -7.85
CA CYS A 275 -10.93 -6.17 -7.63
C CYS A 275 -9.64 -6.62 -7.05
N PHE A 276 -9.75 -7.57 -6.14
CA PHE A 276 -8.65 -8.22 -5.43
C PHE A 276 -8.56 -9.60 -6.03
N LEU A 277 -7.44 -9.87 -6.66
CA LEU A 277 -7.26 -11.11 -7.40
C LEU A 277 -6.03 -11.86 -7.01
N ILE A 278 -6.01 -13.13 -7.38
CA ILE A 278 -4.87 -14.02 -7.38
C ILE A 278 -4.82 -14.59 -8.80
N LEU A 279 -3.71 -14.33 -9.51
CA LEU A 279 -3.56 -14.81 -10.87
C LEU A 279 -2.50 -15.88 -10.97
N LYS A 280 -2.69 -16.81 -11.91
CA LYS A 280 -1.70 -17.84 -12.22
C LYS A 280 -0.71 -17.25 -13.22
N LEU A 281 0.55 -17.07 -12.80
CA LEU A 281 1.59 -16.50 -13.67
C LEU A 281 2.52 -17.60 -14.15
N ASP A 282 2.40 -17.99 -15.43
CA ASP A 282 3.27 -19.02 -16.03
C ASP A 282 4.69 -18.51 -16.12
N HIS A 283 5.67 -19.37 -15.77
CA HIS A 283 7.08 -19.00 -15.73
C HIS A 283 7.62 -18.53 -17.08
N GLY A 284 7.09 -19.05 -18.18
CA GLY A 284 7.48 -18.69 -19.54
C GLY A 284 7.25 -17.23 -19.91
N ARG A 285 6.29 -16.58 -19.23
CA ARG A 285 5.91 -15.17 -19.43
C ARG A 285 6.89 -14.20 -18.73
N VAL A 286 7.72 -14.70 -17.78
CA VAL A 286 8.64 -13.94 -16.95
C VAL A 286 10.02 -13.92 -17.61
N HIS A 287 10.51 -12.71 -17.96
CA HIS A 287 11.83 -12.51 -18.57
C HIS A 287 12.76 -11.94 -17.51
N SER A 288 13.38 -12.86 -16.76
CA SER A 288 14.30 -12.55 -15.67
C SER A 288 15.68 -13.15 -15.92
N GLU A 289 16.56 -13.01 -14.92
CA GLU A 289 17.92 -13.58 -14.89
C GLU A 289 17.84 -15.11 -14.62
N LYS A 290 16.84 -15.52 -13.85
CA LYS A 290 16.60 -16.94 -13.57
C LYS A 290 15.67 -17.54 -14.65
N GLU A 295 12.66 -25.46 -12.84
CA GLU A 295 12.19 -25.12 -11.49
C GLU A 295 10.67 -25.31 -11.30
N GLY A 296 10.32 -25.96 -10.19
CA GLY A 296 9.00 -26.26 -9.64
C GLY A 296 7.83 -26.60 -10.56
N LYS A 297 6.60 -26.22 -10.11
CA LYS A 297 5.31 -26.43 -10.80
C LYS A 297 5.21 -25.68 -12.16
N GLY A 298 6.08 -24.69 -12.40
CA GLY A 298 6.11 -23.94 -13.64
C GLY A 298 5.27 -22.68 -13.66
N TRP A 299 4.69 -22.30 -12.51
CA TRP A 299 3.86 -21.09 -12.38
C TRP A 299 3.93 -20.56 -10.94
N LYS A 300 3.46 -19.32 -10.73
CA LYS A 300 3.46 -18.67 -9.43
C LYS A 300 2.15 -17.91 -9.24
N ALA A 301 1.53 -18.03 -8.07
CA ALA A 301 0.32 -17.30 -7.71
C ALA A 301 0.77 -15.88 -7.35
N ILE A 302 0.10 -14.88 -7.91
CA ILE A 302 0.42 -13.46 -7.69
C ILE A 302 -0.81 -12.71 -7.26
N ARG A 303 -0.71 -11.91 -6.19
CA ARG A 303 -1.78 -11.02 -5.75
C ARG A 303 -1.79 -9.81 -6.64
N VAL A 304 -2.94 -9.52 -7.26
CA VAL A 304 -3.10 -8.40 -8.18
C VAL A 304 -4.32 -7.60 -7.80
N ASP A 305 -4.21 -6.28 -7.80
CA ASP A 305 -5.38 -5.42 -7.57
C ASP A 305 -5.60 -4.54 -8.78
N LEU A 306 -6.84 -4.46 -9.25
CA LEU A 306 -7.19 -3.61 -10.39
C LEU A 306 -8.16 -2.57 -9.92
N VAL A 307 -7.95 -1.31 -10.34
CA VAL A 307 -8.82 -0.18 -9.99
C VAL A 307 -9.28 0.47 -11.29
N MET A 308 -10.60 0.67 -11.45
CA MET A 308 -11.16 1.34 -12.61
C MET A 308 -11.67 2.69 -12.17
N CYS A 309 -11.28 3.76 -12.85
CA CYS A 309 -11.76 5.08 -12.45
C CYS A 309 -12.22 5.86 -13.64
N PRO A 310 -13.16 6.81 -13.43
CA PRO A 310 -13.57 7.70 -14.53
C PRO A 310 -12.35 8.49 -15.03
N TYR A 311 -12.27 8.72 -16.34
CA TYR A 311 -11.16 9.41 -16.99
C TYR A 311 -10.79 10.74 -16.33
N ASP A 312 -11.76 11.55 -15.92
CA ASP A 312 -11.51 12.89 -15.37
C ASP A 312 -10.92 12.84 -13.97
N ARG A 313 -10.95 11.69 -13.29
CA ARG A 313 -10.42 11.53 -11.93
C ARG A 313 -9.11 10.75 -11.93
N ARG A 314 -8.55 10.44 -13.12
CA ARG A 314 -7.35 9.60 -13.24
C ARG A 314 -6.14 10.14 -12.48
N ALA A 315 -5.94 11.46 -12.41
CA ALA A 315 -4.80 12.02 -11.71
C ALA A 315 -4.94 11.85 -10.19
N PHE A 316 -6.18 12.01 -9.64
CA PHE A 316 -6.42 11.86 -8.20
C PHE A 316 -6.26 10.44 -7.77
N ALA A 317 -6.77 9.49 -8.59
CA ALA A 317 -6.67 8.06 -8.32
C ALA A 317 -5.20 7.61 -8.37
N LEU A 318 -4.45 8.02 -9.44
CA LEU A 318 -3.00 7.74 -9.62
C LEU A 318 -2.19 8.20 -8.41
N LEU A 319 -2.40 9.44 -7.99
CA LEU A 319 -1.76 10.01 -6.81
C LEU A 319 -2.09 9.22 -5.55
N GLY A 320 -3.34 8.82 -5.34
CA GLY A 320 -3.74 8.03 -4.18
C GLY A 320 -3.18 6.61 -4.19
N TRP A 321 -3.18 5.94 -5.33
CA TRP A 321 -2.71 4.57 -5.44
C TRP A 321 -1.20 4.44 -5.58
N THR A 322 -0.46 5.53 -5.83
CA THR A 322 0.99 5.44 -5.95
C THR A 322 1.60 5.32 -4.54
N GLY A 323 0.97 5.97 -3.57
CA GLY A 323 1.44 5.94 -2.19
C GLY A 323 2.71 6.76 -1.97
N SER A 324 3.49 6.46 -0.92
CA SER A 324 3.30 5.43 0.10
C SER A 324 2.11 5.77 1.00
N ARG A 325 1.73 4.86 1.91
CA ARG A 325 0.60 5.14 2.82
C ARG A 325 0.87 6.44 3.64
N GLN A 326 2.10 6.62 4.14
CA GLN A 326 2.49 7.82 4.90
C GLN A 326 2.48 9.07 4.05
N PHE A 327 2.95 8.98 2.81
CA PHE A 327 2.91 10.12 1.90
C PHE A 327 1.45 10.57 1.67
N GLU A 328 0.51 9.60 1.49
CA GLU A 328 -0.93 9.88 1.29
C GLU A 328 -1.55 10.54 2.50
N ARG A 329 -1.29 10.00 3.72
CA ARG A 329 -1.78 10.58 4.98
C ARG A 329 -1.35 12.04 5.14
N ASP A 330 -0.03 12.31 4.89
CA ASP A 330 0.49 13.68 5.03
C ASP A 330 0.00 14.63 3.96
N LEU A 331 -0.18 14.14 2.73
CA LEU A 331 -0.76 14.93 1.63
C LEU A 331 -2.15 15.47 2.01
N ARG A 332 -3.00 14.58 2.52
CA ARG A 332 -4.36 14.91 2.91
C ARG A 332 -4.39 15.82 4.14
N ARG A 333 -3.46 15.61 5.08
CA ARG A 333 -3.34 16.40 6.31
C ARG A 333 -2.87 17.82 5.95
N TYR A 334 -1.85 17.93 5.09
CA TYR A 334 -1.35 19.20 4.58
C TYR A 334 -2.47 19.95 3.88
N ALA A 335 -3.19 19.28 2.92
CA ALA A 335 -4.31 19.92 2.20
C ALA A 335 -5.31 20.52 3.18
N THR A 336 -5.69 19.79 4.24
CA THR A 336 -6.66 20.26 5.22
C THR A 336 -6.13 21.41 6.10
N HIS A 337 -5.04 21.18 6.81
CA HIS A 337 -4.50 22.06 7.83
C HIS A 337 -3.81 23.28 7.28
N GLU A 338 -3.09 23.16 6.15
CA GLU A 338 -2.33 24.27 5.59
C GLU A 338 -3.02 25.01 4.43
N ARG A 339 -3.92 24.37 3.69
CA ARG A 339 -4.52 24.99 2.51
C ARG A 339 -6.01 25.10 2.57
N LYS A 340 -6.66 24.53 3.59
CA LYS A 340 -8.13 24.48 3.74
C LYS A 340 -8.72 23.84 2.49
N MET A 341 -8.08 22.76 2.03
CA MET A 341 -8.50 21.96 0.89
C MET A 341 -8.83 20.54 1.37
N MET A 342 -9.66 19.82 0.63
CA MET A 342 -10.06 18.46 0.99
C MET A 342 -9.64 17.56 -0.14
N LEU A 343 -8.73 16.64 0.14
CA LEU A 343 -8.19 15.76 -0.90
C LEU A 343 -8.46 14.31 -0.57
N ASP A 344 -8.79 13.52 -1.61
CA ASP A 344 -8.91 12.08 -1.52
C ASP A 344 -8.58 11.52 -2.92
N ASN A 345 -8.76 10.22 -3.13
CA ASN A 345 -8.47 9.55 -4.40
C ASN A 345 -9.37 9.94 -5.54
N HIS A 346 -10.46 10.65 -5.28
CA HIS A 346 -11.46 10.96 -6.31
C HIS A 346 -11.46 12.44 -6.70
N ALA A 347 -11.08 13.37 -5.80
CA ALA A 347 -11.17 14.82 -6.08
C ALA A 347 -10.36 15.68 -5.11
N LEU A 348 -10.28 16.98 -5.40
CA LEU A 348 -9.66 18.03 -4.59
C LEU A 348 -10.66 19.18 -4.53
N TYR A 349 -11.08 19.52 -3.31
CA TYR A 349 -12.05 20.58 -3.09
C TYR A 349 -11.44 21.72 -2.30
N ASP A 350 -11.64 22.96 -2.77
CA ASP A 350 -11.18 24.19 -2.14
C ASP A 350 -12.36 24.77 -1.32
N ARG A 351 -12.25 24.70 0.02
CA ARG A 351 -13.30 25.19 0.93
C ARG A 351 -13.45 26.73 0.90
N THR A 352 -12.37 27.47 0.58
CA THR A 352 -12.41 28.94 0.53
C THR A 352 -13.07 29.41 -0.76
N LYS A 353 -12.62 28.87 -1.91
CA LYS A 353 -13.16 29.22 -3.22
C LYS A 353 -14.50 28.51 -3.49
N ARG A 354 -14.85 27.48 -2.68
CA ARG A 354 -16.08 26.67 -2.78
C ARG A 354 -16.19 26.04 -4.16
N VAL A 355 -15.06 25.50 -4.65
CA VAL A 355 -14.98 24.89 -5.97
C VAL A 355 -14.08 23.65 -5.94
N PHE A 356 -14.42 22.68 -6.80
CA PHE A 356 -13.61 21.47 -7.00
C PHE A 356 -12.52 21.85 -7.98
N LEU A 357 -11.29 21.42 -7.71
CA LEU A 357 -10.15 21.75 -8.56
C LEU A 357 -9.82 20.60 -9.50
N GLU A 358 -9.72 20.91 -10.80
CA GLU A 358 -9.48 19.95 -11.88
C GLU A 358 -8.02 19.68 -12.08
N ALA A 359 -7.69 18.44 -12.50
CA ALA A 359 -6.29 18.07 -12.73
C ALA A 359 -6.20 17.01 -13.80
N GLU A 360 -5.29 17.20 -14.77
CA GLU A 360 -5.06 16.22 -15.83
C GLU A 360 -3.83 15.37 -15.53
N SER A 361 -3.04 15.77 -14.51
CA SER A 361 -1.79 15.14 -14.08
C SER A 361 -1.56 15.31 -12.60
N GLU A 362 -0.64 14.52 -12.00
CA GLU A 362 -0.28 14.64 -10.59
C GLU A 362 0.36 15.99 -10.33
N GLU A 363 1.21 16.48 -11.29
CA GLU A 363 1.89 17.79 -11.26
C GLU A 363 0.90 18.90 -10.98
N GLU A 364 -0.28 18.88 -11.64
CA GLU A 364 -1.34 19.89 -11.44
C GLU A 364 -1.94 19.79 -10.02
N ILE A 365 -2.01 18.57 -9.43
CA ILE A 365 -2.53 18.42 -8.07
C ILE A 365 -1.53 19.07 -7.11
N PHE A 366 -0.23 18.80 -7.27
CA PHE A 366 0.80 19.40 -6.44
C PHE A 366 0.75 20.91 -6.56
N ALA A 367 0.63 21.45 -7.79
CA ALA A 367 0.56 22.89 -8.05
C ALA A 367 -0.63 23.51 -7.36
N HIS A 368 -1.82 22.83 -7.37
CA HIS A 368 -3.05 23.32 -6.71
C HIS A 368 -2.86 23.46 -5.21
N LEU A 369 -2.05 22.58 -4.62
CA LEU A 369 -1.78 22.50 -3.21
C LEU A 369 -0.66 23.44 -2.77
N GLY A 370 0.05 24.02 -3.73
CA GLY A 370 1.18 24.90 -3.47
C GLY A 370 2.40 24.14 -3.00
N LEU A 371 2.53 22.89 -3.48
CA LEU A 371 3.65 22.00 -3.20
C LEU A 371 4.57 21.84 -4.38
N ASP A 372 5.90 21.77 -4.13
CA ASP A 372 6.85 21.47 -5.20
C ASP A 372 6.58 20.03 -5.56
N TYR A 373 6.64 19.71 -6.87
CA TYR A 373 6.35 18.36 -7.33
C TYR A 373 7.36 17.33 -6.75
N ILE A 374 6.82 16.26 -6.17
CA ILE A 374 7.58 15.16 -5.61
C ILE A 374 7.42 14.00 -6.60
N GLU A 375 8.52 13.55 -7.21
CA GLU A 375 8.52 12.43 -8.16
C GLU A 375 8.06 11.13 -7.50
N PRO A 376 7.45 10.15 -8.23
CA PRO A 376 6.96 8.93 -7.57
C PRO A 376 8.02 8.20 -6.74
N TRP A 377 9.28 8.15 -7.22
CA TRP A 377 10.39 7.50 -6.51
C TRP A 377 10.84 8.30 -5.29
N GLU A 378 10.25 9.49 -5.07
CA GLU A 378 10.57 10.36 -3.95
C GLU A 378 9.44 10.33 -2.91
N ARG A 379 8.46 9.46 -3.11
CA ARG A 379 7.31 9.34 -2.21
C ARG A 379 7.39 8.11 -1.33
N ASN A 380 8.59 7.59 -1.06
CA ASN A 380 8.74 6.40 -0.24
C ASN A 380 8.79 6.73 1.27
N ALA A 381 7.88 7.59 1.73
CA ALA A 381 7.80 8.06 3.10
C ALA A 381 7.31 6.97 4.09
#